data_1UTH
#
_entry.id   1UTH
#
_cell.length_a   107.745
_cell.length_b   107.745
_cell.length_c   298.441
_cell.angle_alpha   90.00
_cell.angle_beta   90.00
_cell.angle_gamma   120.00
#
_symmetry.space_group_name_H-M   'P 65 2 2'
#
loop_
_entity.id
_entity.type
_entity.pdbx_description
1 polymer 'LYSR-TYPE REGULATORY PROTEIN'
2 polymer 'LYSR-TYPE REGULATORY PROTEIN'
3 non-polymer 'THIOCYANATE ION'
4 water water
#
loop_
_entity_poly.entity_id
_entity_poly.type
_entity_poly.pdbx_seq_one_letter_code
_entity_poly.pdbx_strand_id
1 'polypeptide(L)'
;MNNGEGEVMDLRDIDLNLLVVFNQLLLDRSVSTAGEKLGLTQPAVSNSLKRLRTALNDDLFLRTSKGMEPTPYALHLAEP
VIYALNTLQTALTTRNSFDPFASTRTFNLAMTDIGEMYFMPPLMEALAQRAPHIQISTLRPNAGNLKEDMESGAVDLALG
LLPELQTGFFQRRLFRHRYVCMFRKDHPSAKSPMSLKQFSELEHVGVVALNTGHGEVDGLLERAGIKRRMRLVVPHFIAI
GPILHSTDLIATVPQRFAVRCEVPFGLTTSPHPAKLPDIAINLFWHAKYNRDPGNMWLRQLFVELFSEAHHHHHH
;
A
2 'polypeptide(L)'
;MNNGEGEVMDLRDIDLNLLVVFNQLLLDRSVSTAGEKLGLTQPAVSNSLKRLRTALNDDLFLRTSKGMEPTPYALHLAEP
VIYALNTLETALTTRDSFDPFASTRTFNLAMTDIGEMYFMPPLMEALAQRAPHIQISTLRPGAGNLKEDMESGAVDLALG
LLPELQTGFFQRRLFRHRYVCMFRKDHPSAKSPMSLKQFSELEHVGVVALNTGHGEVDGLLERAGIKRRMRLVVPHFIAI
GPILHSTDLIATVPQRFAVRCEVPFGLTTSPHPAKLPDIAINLFWHAKYNRDPGNMWLRQLFVELFSEAHHHHHH
;
B
#
loop_
_chem_comp.id
_chem_comp.type
_chem_comp.name
_chem_comp.formula
SCN non-polymer 'THIOCYANATE ION' 'C N S -1'
#
# COMPACT_ATOMS: atom_id res chain seq x y z
N THR A 94 -0.57 -16.87 -33.48
CA THR A 94 -0.46 -15.94 -32.32
C THR A 94 -1.63 -14.92 -32.28
N ARG A 95 -1.62 -13.96 -33.22
CA ARG A 95 -2.54 -12.82 -33.18
C ARG A 95 -4.04 -13.13 -33.44
N ASN A 96 -4.35 -13.83 -34.53
CA ASN A 96 -5.73 -13.87 -35.09
C ASN A 96 -6.76 -14.86 -34.49
N SER A 97 -6.29 -15.83 -33.70
CA SER A 97 -7.13 -16.56 -32.73
C SER A 97 -6.40 -16.70 -31.37
N PHE A 98 -7.11 -17.19 -30.35
CA PHE A 98 -6.56 -17.24 -28.99
C PHE A 98 -6.96 -18.51 -28.22
N ASP A 99 -5.95 -19.21 -27.70
CA ASP A 99 -6.16 -20.40 -26.87
C ASP A 99 -5.67 -20.16 -25.43
N PRO A 100 -6.60 -19.90 -24.51
CA PRO A 100 -6.26 -19.60 -23.11
C PRO A 100 -5.34 -20.62 -22.46
N PHE A 101 -5.59 -21.89 -22.70
CA PHE A 101 -4.98 -22.98 -21.94
C PHE A 101 -3.51 -23.22 -22.30
N ALA A 102 -3.07 -22.68 -23.44
CA ALA A 102 -1.66 -22.81 -23.87
C ALA A 102 -0.96 -21.46 -24.05
N SER A 103 -1.69 -20.35 -23.97
CA SER A 103 -1.06 -19.05 -24.13
C SER A 103 -0.01 -18.78 -23.05
N THR A 104 1.02 -18.05 -23.49
CA THR A 104 2.25 -17.77 -22.74
C THR A 104 2.40 -16.22 -22.70
N ARG A 105 1.38 -15.53 -23.21
CA ARG A 105 1.33 -14.08 -23.32
C ARG A 105 1.35 -13.41 -21.93
N THR A 106 1.93 -12.22 -21.88
CA THR A 106 1.97 -11.40 -20.67
C THR A 106 0.93 -10.30 -20.87
N PHE A 107 -0.01 -10.20 -19.91
CA PHE A 107 -1.00 -9.09 -19.93
C PHE A 107 -0.67 -8.03 -18.83
N ASN A 108 -0.73 -6.76 -19.22
CA ASN A 108 -0.28 -5.66 -18.41
C ASN A 108 -1.46 -4.74 -18.07
N LEU A 109 -1.72 -4.60 -16.77
CA LEU A 109 -3.02 -4.13 -16.27
C LEU A 109 -2.86 -2.89 -15.36
N ALA A 110 -3.44 -1.75 -15.70
CA ALA A 110 -3.46 -0.58 -14.85
C ALA A 110 -4.65 -0.59 -13.81
N MET A 111 -4.31 -0.34 -12.54
CA MET A 111 -5.16 -0.51 -11.35
C MET A 111 -4.65 0.31 -10.17
N THR A 112 -5.54 0.89 -9.37
CA THR A 112 -5.14 1.55 -8.13
C THR A 112 -4.78 0.53 -7.13
N ASP A 113 -4.33 0.97 -5.96
CA ASP A 113 -4.04 0.04 -4.88
C ASP A 113 -5.29 -0.69 -4.39
N ILE A 114 -6.44 -0.02 -4.27
CA ILE A 114 -7.67 -0.74 -3.87
C ILE A 114 -8.05 -1.79 -4.94
N GLY A 115 -8.07 -1.38 -6.19
CA GLY A 115 -8.25 -2.30 -7.31
C GLY A 115 -7.36 -3.52 -7.30
N GLU A 116 -6.10 -3.32 -7.00
CA GLU A 116 -5.18 -4.43 -7.03
C GLU A 116 -5.57 -5.39 -5.95
N MET A 117 -5.90 -4.86 -4.79
CA MET A 117 -6.31 -5.68 -3.66
C MET A 117 -7.64 -6.41 -3.89
N TYR A 118 -8.54 -5.77 -4.62
CA TYR A 118 -9.85 -6.35 -4.90
C TYR A 118 -9.82 -7.30 -6.10
N PHE A 119 -9.27 -6.87 -7.23
CA PHE A 119 -9.30 -7.67 -8.46
C PHE A 119 -8.34 -8.86 -8.46
N MET A 120 -7.14 -8.67 -7.98
CA MET A 120 -6.10 -9.67 -8.22
C MET A 120 -6.28 -11.02 -7.54
N PRO A 121 -6.67 -11.11 -6.27
CA PRO A 121 -6.84 -12.45 -5.69
C PRO A 121 -7.80 -13.35 -6.44
N PRO A 122 -9.04 -12.96 -6.73
CA PRO A 122 -9.91 -13.88 -7.48
C PRO A 122 -9.54 -14.02 -8.96
N LEU A 123 -8.99 -12.96 -9.57
CA LEU A 123 -8.46 -13.12 -10.92
C LEU A 123 -7.39 -14.22 -10.98
N MET A 124 -6.42 -14.20 -10.07
CA MET A 124 -5.34 -15.18 -10.14
C MET A 124 -5.87 -16.56 -9.83
N GLU A 125 -6.85 -16.63 -8.93
CA GLU A 125 -7.50 -17.89 -8.59
C GLU A 125 -8.14 -18.53 -9.83
N ALA A 126 -8.82 -17.71 -10.62
CA ALA A 126 -9.46 -18.17 -11.85
C ALA A 126 -8.43 -18.57 -12.92
N LEU A 127 -7.39 -17.75 -13.10
CA LEU A 127 -6.37 -18.04 -14.10
C LEU A 127 -5.63 -19.36 -13.87
N ALA A 128 -5.53 -19.82 -12.64
CA ALA A 128 -4.72 -21.00 -12.34
C ALA A 128 -5.27 -22.22 -13.06
N GLN A 129 -6.59 -22.23 -13.24
CA GLN A 129 -7.32 -23.34 -13.86
C GLN A 129 -7.50 -23.13 -15.34
N ARG A 130 -7.83 -21.88 -15.70
CA ARG A 130 -8.23 -21.52 -17.03
C ARG A 130 -7.13 -21.12 -18.00
N ALA A 131 -6.04 -20.51 -17.51
CA ALA A 131 -4.89 -20.15 -18.37
C ALA A 131 -3.59 -20.23 -17.59
N PRO A 132 -3.16 -21.43 -17.24
CA PRO A 132 -2.06 -21.62 -16.28
C PRO A 132 -0.66 -21.15 -16.72
N HIS A 133 -0.47 -20.79 -17.98
CA HIS A 133 0.84 -20.41 -18.50
C HIS A 133 0.92 -18.94 -18.88
N ILE A 134 -0.19 -18.18 -18.83
CA ILE A 134 -0.08 -16.73 -19.04
C ILE A 134 0.58 -16.04 -17.83
N GLN A 135 1.00 -14.80 -18.05
CA GLN A 135 1.62 -14.02 -17.02
C GLN A 135 0.87 -12.72 -16.92
N ILE A 136 0.81 -12.19 -15.70
CA ILE A 136 0.16 -10.92 -15.39
C ILE A 136 1.12 -9.95 -14.69
N SER A 137 1.02 -8.69 -15.06
CA SER A 137 1.83 -7.69 -14.46
C SER A 137 0.93 -6.49 -14.33
N THR A 138 1.08 -5.72 -13.24
CA THR A 138 0.19 -4.55 -13.04
C THR A 138 0.99 -3.30 -12.77
N LEU A 139 0.35 -2.17 -12.92
CA LEU A 139 0.95 -0.89 -12.61
C LEU A 139 -0.15 0.09 -12.21
N ARG A 140 0.24 1.22 -11.62
CA ARG A 140 -0.71 2.22 -11.15
C ARG A 140 -0.98 3.18 -12.29
N PRO A 141 -2.19 3.68 -12.45
CA PRO A 141 -2.50 4.62 -13.53
C PRO A 141 -1.73 5.96 -13.49
N ASN A 142 -1.33 6.42 -12.32
CA ASN A 142 -0.55 7.67 -12.23
C ASN A 142 0.96 7.46 -12.43
N ALA A 143 1.36 6.21 -12.65
CA ALA A 143 2.69 5.90 -13.21
C ALA A 143 2.66 6.20 -14.73
N GLY A 144 3.85 6.27 -15.33
CA GLY A 144 4.02 6.44 -16.77
C GLY A 144 3.04 7.40 -17.43
N ASN A 145 2.83 7.20 -18.75
CA ASN A 145 1.77 7.89 -19.48
C ASN A 145 0.73 6.88 -20.00
N LEU A 146 -0.44 6.85 -19.34
CA LEU A 146 -1.42 5.79 -19.54
C LEU A 146 -2.08 5.86 -20.92
N LYS A 147 -2.59 7.04 -21.31
CA LYS A 147 -3.20 7.17 -22.64
C LYS A 147 -2.27 6.66 -23.76
N GLU A 148 -1.04 7.14 -23.73
CA GLU A 148 -0.02 6.79 -24.71
C GLU A 148 0.33 5.30 -24.66
N ASP A 149 0.48 4.75 -23.47
CA ASP A 149 0.88 3.34 -23.32
C ASP A 149 -0.24 2.34 -23.68
N MET A 150 -1.47 2.80 -23.65
CA MET A 150 -2.57 1.95 -24.10
C MET A 150 -2.62 1.94 -25.63
N GLU A 151 -2.54 3.10 -26.29
CA GLU A 151 -2.37 3.15 -27.76
C GLU A 151 -1.27 2.19 -28.28
N SER A 152 -0.12 2.16 -27.63
CA SER A 152 1.00 1.35 -28.13
C SER A 152 0.87 -0.12 -27.85
N GLY A 153 -0.02 -0.51 -26.94
CA GLY A 153 -0.16 -1.91 -26.57
C GLY A 153 0.73 -2.34 -25.41
N ALA A 154 1.40 -1.36 -24.79
CA ALA A 154 2.22 -1.68 -23.62
C ALA A 154 1.31 -1.98 -22.42
N VAL A 155 0.20 -1.26 -22.33
CA VAL A 155 -0.85 -1.53 -21.33
C VAL A 155 -2.17 -2.02 -22.02
N ASP A 156 -2.53 -3.26 -21.77
CA ASP A 156 -3.74 -3.88 -22.35
C ASP A 156 -5.12 -3.40 -21.84
N LEU A 157 -5.25 -3.25 -20.51
CA LEU A 157 -6.51 -2.84 -19.84
C LEU A 157 -6.26 -1.94 -18.62
N ALA A 158 -7.22 -1.10 -18.33
CA ALA A 158 -7.22 -0.27 -17.15
C ALA A 158 -8.59 -0.35 -16.39
N LEU A 159 -8.52 -0.24 -15.06
CA LEU A 159 -9.66 -0.38 -14.16
C LEU A 159 -9.75 0.80 -13.25
N GLY A 160 -10.89 1.46 -13.24
CA GLY A 160 -11.10 2.58 -12.34
C GLY A 160 -12.06 3.62 -12.85
N LEU A 161 -12.02 4.82 -12.28
CA LEU A 161 -12.93 5.87 -12.69
C LEU A 161 -12.37 6.49 -13.97
N LEU A 162 -11.15 7.04 -13.88
CA LEU A 162 -10.33 7.39 -15.06
C LEU A 162 -11.04 8.27 -16.09
N PRO A 163 -11.40 9.47 -15.70
CA PRO A 163 -12.24 10.32 -16.56
C PRO A 163 -11.51 10.93 -17.78
N GLU A 164 -10.21 10.68 -17.90
CA GLU A 164 -9.43 11.23 -19.00
C GLU A 164 -9.41 10.29 -20.22
N LEU A 165 -9.83 9.03 -20.03
CA LEU A 165 -9.87 8.11 -21.15
C LEU A 165 -11.20 8.29 -21.90
N GLN A 166 -11.14 9.09 -22.96
CA GLN A 166 -12.32 9.47 -23.75
C GLN A 166 -12.10 9.00 -25.20
N THR A 167 -11.92 9.94 -26.13
CA THR A 167 -11.69 9.59 -27.54
C THR A 167 -10.58 8.56 -27.69
N GLY A 168 -10.80 7.54 -28.50
CA GLY A 168 -9.88 6.41 -28.62
C GLY A 168 -10.17 5.23 -27.70
N PHE A 169 -11.03 5.43 -26.70
CA PHE A 169 -11.24 4.42 -25.65
C PHE A 169 -12.70 3.96 -25.52
N PHE A 170 -12.83 2.65 -25.42
CA PHE A 170 -14.08 2.02 -25.03
C PHE A 170 -14.08 1.77 -23.50
N GLN A 171 -15.26 1.91 -22.91
CA GLN A 171 -15.48 1.60 -21.51
C GLN A 171 -16.73 0.78 -21.22
N ARG A 172 -16.65 0.02 -20.13
CA ARG A 172 -17.70 -0.84 -19.67
C ARG A 172 -17.81 -0.77 -18.13
N ARG A 173 -18.97 -0.40 -17.60
CA ARG A 173 -19.26 -0.42 -16.14
C ARG A 173 -19.10 -1.76 -15.56
N LEU A 174 -18.41 -1.84 -14.43
CA LEU A 174 -18.32 -3.11 -13.69
C LEU A 174 -19.12 -3.04 -12.36
N PHE A 175 -18.94 -1.99 -11.56
CA PHE A 175 -19.77 -1.76 -10.37
C PHE A 175 -19.61 -0.34 -9.90
N ARG A 176 -20.47 0.04 -8.96
CA ARG A 176 -20.37 1.28 -8.21
C ARG A 176 -20.00 0.83 -6.81
N HIS A 177 -19.03 1.45 -6.14
CA HIS A 177 -19.00 1.24 -4.69
C HIS A 177 -19.15 2.47 -3.84
N ARG A 178 -19.63 2.13 -2.66
CA ARG A 178 -20.14 3.05 -1.70
C ARG A 178 -19.01 3.21 -0.67
N TYR A 179 -18.86 4.40 -0.14
CA TYR A 179 -18.00 4.60 1.03
C TYR A 179 -18.65 4.08 2.31
N VAL A 180 -17.88 3.36 3.12
CA VAL A 180 -18.31 2.92 4.43
C VAL A 180 -17.38 3.50 5.49
N CYS A 181 -17.71 3.28 6.76
CA CYS A 181 -16.88 3.74 7.84
C CYS A 181 -16.41 2.49 8.54
N MET A 182 -15.13 2.42 8.93
CA MET A 182 -14.57 1.18 9.46
C MET A 182 -13.80 1.36 10.76
N PHE A 183 -13.82 0.35 11.64
CA PHE A 183 -13.18 0.42 12.93
C PHE A 183 -13.05 -0.95 13.57
N ARG A 184 -12.17 -1.12 14.57
CA ARG A 184 -12.00 -2.49 15.15
C ARG A 184 -13.27 -2.96 15.83
N LYS A 185 -13.50 -4.27 15.83
CA LYS A 185 -14.80 -4.81 16.24
C LYS A 185 -15.16 -4.52 17.69
N ASP A 186 -14.16 -4.44 18.56
CA ASP A 186 -14.37 -4.19 20.00
C ASP A 186 -14.04 -2.76 20.38
N HIS A 187 -14.19 -1.83 19.43
CA HIS A 187 -14.03 -0.40 19.71
C HIS A 187 -14.85 -0.11 20.97
N PRO A 188 -14.36 0.74 21.87
CA PRO A 188 -15.09 1.03 23.13
C PRO A 188 -16.43 1.74 22.96
N SER A 189 -16.63 2.47 21.88
CA SER A 189 -17.86 3.24 21.69
C SER A 189 -18.47 3.28 20.29
N ALA A 190 -17.68 3.01 19.23
CA ALA A 190 -18.17 3.12 17.85
C ALA A 190 -19.27 2.14 17.58
N LYS A 191 -20.34 2.60 16.94
CA LYS A 191 -21.44 1.72 16.57
C LYS A 191 -21.79 1.80 15.07
N SER A 192 -22.43 0.73 14.60
CA SER A 192 -23.04 0.66 13.28
C SER A 192 -24.55 0.50 13.46
N PRO A 193 -25.38 1.28 12.79
CA PRO A 193 -24.98 2.38 11.90
C PRO A 193 -24.55 3.58 12.68
N MET A 194 -23.49 4.25 12.25
CA MET A 194 -22.88 5.32 13.02
C MET A 194 -23.60 6.61 12.68
N SER A 195 -23.81 7.43 13.72
CA SER A 195 -24.40 8.75 13.55
C SER A 195 -23.30 9.72 13.17
N LEU A 196 -23.72 10.78 12.52
CA LEU A 196 -22.85 11.86 12.17
C LEU A 196 -22.24 12.57 13.38
N LYS A 197 -22.98 12.59 14.49
CA LYS A 197 -22.51 13.18 15.72
C LYS A 197 -21.26 12.43 16.18
N GLN A 198 -21.38 11.11 16.33
CA GLN A 198 -20.28 10.26 16.74
C GLN A 198 -19.09 10.31 15.72
N PHE A 199 -19.40 10.25 14.43
CA PHE A 199 -18.41 10.39 13.36
C PHE A 199 -17.54 11.59 13.61
N SER A 200 -18.18 12.72 13.91
CA SER A 200 -17.46 13.98 14.07
C SER A 200 -16.81 14.10 15.44
N GLU A 201 -17.12 13.20 16.33
CA GLU A 201 -16.52 13.22 17.67
C GLU A 201 -15.30 12.27 17.81
N LEU A 202 -15.35 11.13 17.15
CA LEU A 202 -14.23 10.19 17.16
C LEU A 202 -13.00 10.75 16.37
N GLU A 203 -11.89 10.05 16.50
CA GLU A 203 -10.66 10.38 15.77
C GLU A 203 -10.39 9.50 14.52
N HIS A 204 -9.85 10.12 13.48
CA HIS A 204 -9.76 9.53 12.15
C HIS A 204 -8.33 9.32 11.65
N VAL A 205 -8.18 8.27 10.85
CA VAL A 205 -7.12 8.19 9.84
C VAL A 205 -7.67 8.52 8.50
N GLY A 206 -7.10 9.53 7.84
CA GLY A 206 -7.39 9.89 6.47
C GLY A 206 -6.41 9.33 5.42
N VAL A 207 -6.93 9.05 4.22
CA VAL A 207 -6.13 8.61 3.10
C VAL A 207 -6.19 9.67 1.97
N VAL A 208 -5.06 10.28 1.60
CA VAL A 208 -5.05 11.35 0.57
C VAL A 208 -5.53 10.81 -0.79
N ALA A 209 -5.00 9.65 -1.17
CA ALA A 209 -5.29 9.00 -2.45
C ALA A 209 -5.32 9.98 -3.64
N LEU A 210 -4.19 10.66 -3.83
CA LEU A 210 -4.06 11.75 -4.80
C LEU A 210 -4.30 11.29 -6.24
N ASN A 211 -5.04 12.11 -7.01
CA ASN A 211 -5.28 11.89 -8.46
C ASN A 211 -6.09 10.61 -8.70
N THR A 212 -7.09 10.47 -7.85
CA THR A 212 -7.86 9.26 -7.75
C THR A 212 -9.26 9.75 -7.36
N GLY A 213 -10.28 8.95 -7.64
CA GLY A 213 -11.65 9.32 -7.29
C GLY A 213 -11.82 9.45 -5.79
N HIS A 214 -11.09 8.62 -5.07
CA HIS A 214 -11.05 8.62 -3.60
C HIS A 214 -10.35 9.84 -3.00
N GLY A 215 -9.54 10.52 -3.80
CA GLY A 215 -8.96 11.79 -3.41
C GLY A 215 -9.92 12.96 -3.18
N GLU A 216 -11.18 12.85 -3.60
CA GLU A 216 -12.16 13.93 -3.42
C GLU A 216 -12.81 13.92 -2.01
N VAL A 217 -12.60 12.84 -1.25
CA VAL A 217 -13.30 12.67 0.02
C VAL A 217 -13.10 13.85 0.97
N ASP A 218 -11.84 14.20 1.23
CA ASP A 218 -11.48 15.28 2.16
C ASP A 218 -12.23 16.59 1.88
N GLY A 219 -12.17 17.03 0.62
CA GLY A 219 -12.82 18.24 0.15
C GLY A 219 -14.33 18.13 0.23
N LEU A 220 -14.89 17.00 -0.17
CA LEU A 220 -16.33 16.81 -0.09
C LEU A 220 -16.86 16.99 1.33
N LEU A 221 -16.16 16.43 2.31
CA LEU A 221 -16.57 16.54 3.71
C LEU A 221 -16.40 17.97 4.24
N GLU A 222 -15.29 18.60 3.91
CA GLU A 222 -15.00 19.97 4.31
C GLU A 222 -16.14 20.90 3.86
N ARG A 223 -16.43 20.90 2.57
CA ARG A 223 -17.44 21.79 1.98
C ARG A 223 -18.84 21.64 2.57
N ALA A 224 -19.17 20.43 3.05
CA ALA A 224 -20.45 20.20 3.73
C ALA A 224 -20.43 20.42 5.24
N GLY A 225 -19.33 20.94 5.76
CA GLY A 225 -19.22 21.29 7.16
C GLY A 225 -19.14 20.14 8.14
N ILE A 226 -18.74 18.96 7.67
CA ILE A 226 -18.51 17.84 8.59
C ILE A 226 -17.10 17.94 9.12
N LYS A 227 -16.96 18.14 10.42
CA LYS A 227 -15.64 18.26 11.05
C LYS A 227 -15.05 16.89 11.38
N ARG A 228 -13.74 16.79 11.24
CA ARG A 228 -13.02 15.59 11.66
C ARG A 228 -11.70 15.98 12.28
N ARG A 229 -11.42 15.39 13.45
CA ARG A 229 -10.10 15.46 14.03
C ARG A 229 -9.20 14.42 13.30
N MET A 230 -8.38 14.93 12.40
CA MET A 230 -7.48 14.12 11.58
C MET A 230 -6.22 13.86 12.38
N ARG A 231 -6.20 12.77 13.09
CA ARG A 231 -5.10 12.40 13.93
C ARG A 231 -3.88 11.87 13.13
N LEU A 232 -4.15 11.07 12.08
CA LEU A 232 -3.14 10.52 11.16
C LEU A 232 -3.63 10.73 9.71
N VAL A 233 -2.72 11.13 8.84
CA VAL A 233 -3.00 11.20 7.39
C VAL A 233 -1.89 10.40 6.67
N VAL A 234 -2.30 9.41 5.87
CA VAL A 234 -1.42 8.62 5.02
C VAL A 234 -1.78 8.81 3.54
N PRO A 235 -0.84 8.61 2.60
CA PRO A 235 -1.12 8.87 1.18
C PRO A 235 -1.89 7.74 0.46
N HIS A 236 -1.83 6.51 0.99
CA HIS A 236 -2.46 5.34 0.40
C HIS A 236 -3.00 4.35 1.48
N PHE A 237 -3.59 3.24 1.04
CA PHE A 237 -4.45 2.40 1.87
C PHE A 237 -3.75 1.22 2.60
N ILE A 238 -2.49 0.93 2.24
CA ILE A 238 -1.83 -0.27 2.76
C ILE A 238 -1.87 -0.45 4.25
N ALA A 239 -1.62 0.57 5.06
CA ALA A 239 -1.53 0.39 6.50
C ALA A 239 -2.89 0.50 7.26
N ILE A 240 -4.00 0.78 6.57
CA ILE A 240 -5.28 1.05 7.25
C ILE A 240 -5.81 -0.10 8.12
N GLY A 241 -5.91 -1.29 7.58
CA GLY A 241 -6.28 -2.44 8.38
C GLY A 241 -5.53 -2.59 9.70
N PRO A 242 -4.19 -2.67 9.64
CA PRO A 242 -3.35 -2.76 10.85
C PRO A 242 -3.49 -1.57 11.76
N ILE A 243 -3.61 -0.38 11.20
CA ILE A 243 -3.78 0.82 12.03
C ILE A 243 -5.09 0.78 12.86
N LEU A 244 -6.20 0.40 12.22
CA LEU A 244 -7.52 0.33 12.86
C LEU A 244 -7.55 -0.77 13.89
N HIS A 245 -6.86 -1.87 13.63
CA HIS A 245 -6.78 -2.99 14.55
C HIS A 245 -6.13 -2.59 15.86
N SER A 246 -5.18 -1.67 15.82
CA SER A 246 -4.33 -1.36 16.98
C SER A 246 -4.67 -0.07 17.67
N THR A 247 -5.66 0.66 17.17
CA THR A 247 -6.05 1.96 17.70
C THR A 247 -7.59 2.05 17.89
N ASP A 248 -8.06 3.20 18.33
CA ASP A 248 -9.49 3.52 18.38
C ASP A 248 -9.83 4.53 17.28
N LEU A 249 -8.95 4.63 16.28
CA LEU A 249 -9.23 5.47 15.10
C LEU A 249 -10.32 4.86 14.23
N ILE A 250 -10.92 5.69 13.39
CA ILE A 250 -11.86 5.23 12.39
C ILE A 250 -11.46 5.78 11.02
N ALA A 251 -12.01 5.19 9.98
CA ALA A 251 -11.66 5.55 8.61
C ALA A 251 -12.84 5.49 7.68
N THR A 252 -12.80 6.39 6.71
CA THR A 252 -13.67 6.41 5.57
C THR A 252 -13.00 5.68 4.39
N VAL A 253 -13.64 4.67 3.85
CA VAL A 253 -12.97 3.63 3.05
C VAL A 253 -13.99 3.07 2.04
N PRO A 254 -13.58 2.87 0.80
CA PRO A 254 -14.44 2.17 -0.15
C PRO A 254 -14.81 0.81 0.36
N GLN A 255 -16.03 0.41 0.06
CA GLN A 255 -16.59 -0.82 0.62
C GLN A 255 -15.87 -2.09 0.13
N ARG A 256 -15.37 -2.06 -1.10
CA ARG A 256 -14.57 -3.16 -1.65
C ARG A 256 -13.25 -3.29 -0.88
N PHE A 257 -12.72 -2.21 -0.32
CA PHE A 257 -11.60 -2.33 0.61
C PHE A 257 -12.02 -3.06 1.90
N ALA A 258 -13.19 -2.73 2.40
CA ALA A 258 -13.67 -3.30 3.63
C ALA A 258 -13.87 -4.79 3.50
N VAL A 259 -14.36 -5.26 2.36
CA VAL A 259 -14.52 -6.70 2.21
C VAL A 259 -13.21 -7.48 2.19
N ARG A 260 -12.09 -6.88 1.76
CA ARG A 260 -10.80 -7.55 1.90
C ARG A 260 -10.22 -7.48 3.33
N CYS A 261 -10.55 -6.46 4.14
CA CYS A 261 -9.89 -6.26 5.44
C CYS A 261 -10.67 -6.70 6.69
N GLU A 262 -12.00 -6.76 6.56
CA GLU A 262 -12.88 -6.92 7.74
C GLU A 262 -12.50 -8.08 8.62
N VAL A 263 -12.47 -9.27 8.03
CA VAL A 263 -12.16 -10.50 8.74
C VAL A 263 -10.67 -10.67 9.09
N PRO A 264 -9.74 -10.46 8.14
CA PRO A 264 -8.30 -10.53 8.47
C PRO A 264 -7.84 -9.65 9.64
N PHE A 265 -8.38 -8.44 9.72
CA PHE A 265 -7.99 -7.52 10.82
C PHE A 265 -9.03 -7.36 11.97
N GLY A 266 -10.09 -8.14 11.97
CA GLY A 266 -11.07 -8.09 13.05
C GLY A 266 -11.73 -6.75 13.14
N LEU A 267 -12.33 -6.30 12.03
CA LEU A 267 -12.86 -4.96 11.92
C LEU A 267 -14.37 -5.02 11.67
N THR A 268 -15.05 -3.91 11.89
CA THR A 268 -16.50 -3.79 11.65
C THR A 268 -16.66 -2.64 10.68
N THR A 269 -17.74 -2.66 9.91
CA THR A 269 -18.07 -1.52 9.07
C THR A 269 -19.51 -1.04 9.33
N SER A 270 -19.72 0.27 9.31
CA SER A 270 -21.04 0.83 9.30
C SER A 270 -21.28 1.54 7.99
N PRO A 271 -22.54 1.68 7.60
CA PRO A 271 -22.92 2.63 6.55
C PRO A 271 -22.44 4.01 6.88
N HIS A 272 -22.08 4.78 5.88
CA HIS A 272 -21.42 6.04 6.16
C HIS A 272 -22.44 7.14 6.35
N PRO A 273 -22.40 7.85 7.48
CA PRO A 273 -23.38 8.91 7.77
C PRO A 273 -23.34 10.13 6.88
N ALA A 274 -22.27 10.34 6.14
CA ALA A 274 -22.21 11.49 5.24
C ALA A 274 -22.95 11.12 3.95
N LYS A 275 -23.10 12.08 3.06
CA LYS A 275 -23.67 11.81 1.71
C LYS A 275 -22.61 11.79 0.61
N LEU A 276 -21.59 10.96 0.78
CA LEU A 276 -20.54 10.89 -0.23
C LEU A 276 -21.09 10.16 -1.47
N PRO A 277 -20.72 10.61 -2.67
CA PRO A 277 -21.18 9.97 -3.90
C PRO A 277 -20.52 8.63 -4.06
N ASP A 278 -21.23 7.71 -4.68
CA ASP A 278 -20.68 6.45 -5.15
C ASP A 278 -19.68 6.68 -6.27
N ILE A 279 -18.65 5.84 -6.33
CA ILE A 279 -17.67 5.96 -7.39
C ILE A 279 -17.84 4.80 -8.36
N ALA A 280 -17.91 5.12 -9.63
CA ALA A 280 -18.04 4.13 -10.68
C ALA A 280 -16.68 3.56 -11.02
N ILE A 281 -16.64 2.25 -11.15
CA ILE A 281 -15.46 1.51 -11.52
C ILE A 281 -15.75 0.79 -12.85
N ASN A 282 -14.98 1.16 -13.89
CA ASN A 282 -15.11 0.73 -15.28
C ASN A 282 -13.90 -0.03 -15.78
N LEU A 283 -14.11 -0.88 -16.77
CA LEU A 283 -13.05 -1.55 -17.53
C LEU A 283 -12.80 -0.72 -18.80
N PHE A 284 -11.54 -0.41 -19.09
CA PHE A 284 -11.14 0.47 -20.20
C PHE A 284 -10.21 -0.28 -21.14
N TRP A 285 -10.41 -0.11 -22.45
CA TRP A 285 -9.45 -0.59 -23.44
C TRP A 285 -9.37 0.33 -24.63
N HIS A 286 -8.23 0.29 -25.29
CA HIS A 286 -8.06 1.14 -26.46
C HIS A 286 -8.75 0.52 -27.70
N ALA A 287 -9.32 1.39 -28.53
CA ALA A 287 -10.02 0.97 -29.77
C ALA A 287 -9.18 0.05 -30.66
N LYS A 288 -7.88 0.26 -30.75
CA LYS A 288 -7.06 -0.62 -31.57
C LYS A 288 -7.14 -2.06 -31.12
N TYR A 289 -7.47 -2.31 -29.86
CA TYR A 289 -7.48 -3.70 -29.37
C TYR A 289 -8.89 -4.24 -29.08
N ASN A 290 -9.90 -3.47 -29.49
CA ASN A 290 -11.29 -3.87 -29.37
C ASN A 290 -11.53 -5.29 -29.82
N ARG A 291 -10.90 -5.69 -30.93
CA ARG A 291 -11.12 -7.01 -31.49
C ARG A 291 -9.93 -7.94 -31.46
N ASP A 292 -8.93 -7.63 -30.65
CA ASP A 292 -7.86 -8.58 -30.39
C ASP A 292 -8.38 -9.76 -29.56
N PRO A 293 -8.28 -10.97 -30.10
CA PRO A 293 -8.70 -12.18 -29.37
C PRO A 293 -8.28 -12.32 -27.91
N GLY A 294 -7.02 -12.09 -27.57
CA GLY A 294 -6.54 -12.30 -26.20
C GLY A 294 -7.14 -11.29 -25.23
N ASN A 295 -7.16 -10.02 -25.65
CA ASN A 295 -7.71 -8.95 -24.90
C ASN A 295 -9.18 -9.24 -24.64
N MET A 296 -9.93 -9.59 -25.69
CA MET A 296 -11.35 -9.89 -25.59
C MET A 296 -11.60 -10.94 -24.54
N TRP A 297 -10.80 -12.00 -24.57
CA TRP A 297 -10.95 -13.07 -23.61
C TRP A 297 -10.70 -12.61 -22.15
N LEU A 298 -9.75 -11.70 -21.93
CA LEU A 298 -9.45 -11.24 -20.58
C LEU A 298 -10.57 -10.37 -20.11
N ARG A 299 -11.01 -9.48 -20.97
CA ARG A 299 -12.15 -8.65 -20.71
C ARG A 299 -13.37 -9.46 -20.28
N GLN A 300 -13.70 -10.52 -21.01
CA GLN A 300 -14.86 -11.37 -20.69
C GLN A 300 -14.71 -12.01 -19.32
N LEU A 301 -13.48 -12.32 -18.93
CA LEU A 301 -13.22 -12.91 -17.62
C LEU A 301 -13.45 -11.88 -16.52
N PHE A 302 -13.02 -10.65 -16.76
CA PHE A 302 -13.24 -9.55 -15.86
C PHE A 302 -14.75 -9.36 -15.66
N VAL A 303 -15.50 -9.27 -16.77
CA VAL A 303 -16.96 -9.14 -16.69
C VAL A 303 -17.61 -10.31 -15.92
N GLU A 304 -17.19 -11.53 -16.21
CA GLU A 304 -17.73 -12.69 -15.53
C GLU A 304 -17.50 -12.64 -14.00
N LEU A 305 -16.28 -12.31 -13.57
CA LEU A 305 -15.94 -12.33 -12.15
C LEU A 305 -16.45 -11.14 -11.36
N PHE A 306 -16.53 -9.98 -12.00
CA PHE A 306 -16.68 -8.72 -11.29
C PHE A 306 -17.87 -7.88 -11.67
N SER A 307 -18.46 -8.12 -12.84
CA SER A 307 -19.55 -7.26 -13.27
C SER A 307 -20.78 -7.52 -12.39
N GLU A 308 -21.52 -6.48 -12.09
CA GLU A 308 -22.68 -6.60 -11.23
C GLU A 308 -23.98 -6.09 -11.85
N ALA A 309 -24.01 -6.09 -13.18
CA ALA A 309 -25.14 -5.58 -13.96
C ALA A 309 -26.45 -6.32 -13.63
N HIS A 310 -26.30 -7.62 -13.38
CA HIS A 310 -27.39 -8.57 -13.42
C HIS A 310 -27.87 -9.00 -12.01
N HIS A 311 -27.67 -8.16 -11.00
CA HIS A 311 -28.26 -8.38 -9.67
C HIS A 311 -28.23 -7.10 -8.84
N HIS A 312 -29.41 -6.55 -8.58
CA HIS A 312 -29.57 -5.22 -7.93
C HIS A 312 -30.53 -5.28 -6.74
N ALA B 84 28.03 24.33 7.78
CA ALA B 84 28.93 24.63 8.94
C ALA B 84 28.47 25.85 9.77
N LEU B 85 28.33 27.01 9.12
CA LEU B 85 28.04 28.30 9.80
C LEU B 85 26.55 28.52 10.16
N ASN B 86 25.68 27.65 9.66
CA ASN B 86 24.26 27.63 10.05
C ASN B 86 24.00 26.71 11.27
N THR B 87 25.06 26.09 11.79
CA THR B 87 25.03 25.34 13.05
C THR B 87 25.32 26.28 14.23
N LEU B 88 26.10 27.33 13.97
CA LEU B 88 26.37 28.41 14.94
C LEU B 88 25.22 29.43 15.07
N GLU B 89 24.39 29.56 14.02
CA GLU B 89 23.18 30.40 14.09
C GLU B 89 21.98 29.63 14.68
N THR B 90 21.84 28.36 14.28
CA THR B 90 20.71 27.52 14.68
C THR B 90 20.90 26.83 16.04
N ALA B 91 22.03 27.07 16.71
CA ALA B 91 22.22 26.64 18.10
C ALA B 91 22.08 27.82 19.06
N LEU B 92 22.46 29.02 18.59
CA LEU B 92 22.34 30.28 19.34
C LEU B 92 20.88 30.77 19.44
N THR B 93 20.01 30.24 18.58
CA THR B 93 18.58 30.56 18.63
C THR B 93 17.89 29.90 19.84
N THR B 94 16.90 30.58 20.42
CA THR B 94 16.04 29.99 21.45
C THR B 94 15.13 28.90 20.86
N ARG B 95 14.93 27.83 21.65
CA ARG B 95 14.24 26.62 21.19
C ARG B 95 12.76 26.68 21.56
N ASP B 96 11.90 26.35 20.59
CA ASP B 96 10.46 26.16 20.84
C ASP B 96 10.25 25.06 21.90
N SER B 97 9.49 25.36 22.95
CA SER B 97 9.21 24.40 24.03
C SER B 97 8.42 23.20 23.48
N PHE B 98 8.51 22.07 24.19
CA PHE B 98 7.70 20.90 23.84
C PHE B 98 7.17 20.14 25.05
N ASP B 99 5.85 20.17 25.15
CA ASP B 99 5.11 19.48 26.18
C ASP B 99 4.21 18.47 25.44
N PRO B 100 4.49 17.19 25.62
CA PRO B 100 3.76 16.14 24.90
C PRO B 100 2.28 16.03 25.26
N PHE B 101 1.90 16.35 26.50
CA PHE B 101 0.49 16.31 26.86
C PHE B 101 -0.35 17.43 26.19
N ALA B 102 0.28 18.55 25.85
CA ALA B 102 -0.44 19.73 25.32
C ALA B 102 -0.19 20.05 23.83
N SER B 103 0.90 19.56 23.25
CA SER B 103 1.25 19.90 21.87
C SER B 103 0.14 19.51 20.89
N THR B 104 -0.13 20.41 19.94
CA THR B 104 -1.00 20.17 18.79
C THR B 104 -0.18 20.22 17.50
N ARG B 105 1.14 20.13 17.59
CA ARG B 105 2.01 20.13 16.41
C ARG B 105 1.72 18.97 15.48
N THR B 106 1.89 19.23 14.19
CA THR B 106 1.82 18.22 13.13
C THR B 106 3.26 17.82 12.75
N PHE B 107 3.58 16.53 12.83
CA PHE B 107 4.90 16.02 12.43
C PHE B 107 4.74 15.28 11.08
N ASN B 108 5.57 15.63 10.08
CA ASN B 108 5.54 15.03 8.74
C ASN B 108 6.68 14.02 8.58
N LEU B 109 6.34 12.80 8.19
CA LEU B 109 7.27 11.68 8.14
C LEU B 109 7.32 10.99 6.77
N ALA B 110 8.52 10.83 6.21
CA ALA B 110 8.69 10.09 4.97
C ALA B 110 8.98 8.63 5.28
N MET B 111 8.28 7.72 4.60
CA MET B 111 8.51 6.30 4.75
C MET B 111 7.92 5.54 3.56
N THR B 112 8.39 4.33 3.33
CA THR B 112 7.87 3.51 2.24
C THR B 112 6.57 2.84 2.66
N ASP B 113 5.97 2.12 1.71
CA ASP B 113 4.74 1.43 2.01
C ASP B 113 4.94 0.37 3.10
N ILE B 114 6.07 -0.33 3.08
CA ILE B 114 6.37 -1.31 4.13
C ILE B 114 6.61 -0.61 5.48
N GLY B 115 7.25 0.55 5.43
CA GLY B 115 7.44 1.38 6.61
C GLY B 115 6.14 1.78 7.28
N GLU B 116 5.22 2.22 6.45
CA GLU B 116 3.95 2.71 6.92
C GLU B 116 3.24 1.60 7.62
N MET B 117 3.22 0.44 7.01
CA MET B 117 2.54 -0.70 7.58
C MET B 117 3.24 -1.24 8.83
N TYR B 118 4.56 -1.07 8.94
CA TYR B 118 5.30 -1.61 10.06
C TYR B 118 5.28 -0.63 11.27
N PHE B 119 5.64 0.61 11.02
CA PHE B 119 5.80 1.65 12.02
C PHE B 119 4.45 2.26 12.56
N MET B 120 3.47 2.44 11.69
CA MET B 120 2.35 3.29 12.05
C MET B 120 1.42 2.66 13.08
N PRO B 121 1.07 1.39 13.00
CA PRO B 121 0.21 0.83 14.05
C PRO B 121 0.74 0.97 15.50
N PRO B 122 1.91 0.45 15.86
CA PRO B 122 2.45 0.67 17.21
C PRO B 122 2.81 2.11 17.54
N LEU B 123 3.21 2.91 16.57
CA LEU B 123 3.45 4.31 16.84
C LEU B 123 2.16 5.02 17.27
N MET B 124 1.04 4.75 16.60
CA MET B 124 -0.19 5.50 16.88
C MET B 124 -0.77 4.99 18.20
N GLU B 125 -0.72 3.69 18.44
CA GLU B 125 -1.00 3.13 19.75
C GLU B 125 -0.27 3.81 20.91
N ALA B 126 1.03 4.12 20.72
CA ALA B 126 1.84 4.75 21.75
C ALA B 126 1.48 6.21 21.91
N LEU B 127 1.27 6.87 20.79
CA LEU B 127 0.96 8.28 20.84
C LEU B 127 -0.40 8.56 21.56
N ALA B 128 -1.33 7.62 21.51
CA ALA B 128 -2.65 7.81 22.12
C ALA B 128 -2.49 8.00 23.63
N GLN B 129 -1.55 7.25 24.21
CA GLN B 129 -1.24 7.32 25.63
C GLN B 129 -0.23 8.37 26.02
N ARG B 130 0.43 9.02 25.07
CA ARG B 130 1.54 9.90 25.38
C ARG B 130 1.47 11.32 24.84
N ALA B 131 0.82 11.52 23.71
CA ALA B 131 0.77 12.84 23.11
C ALA B 131 -0.53 12.92 22.34
N PRO B 132 -1.65 12.98 23.08
CA PRO B 132 -2.97 12.77 22.49
C PRO B 132 -3.48 13.83 21.53
N HIS B 133 -2.83 14.98 21.46
CA HIS B 133 -3.29 16.06 20.62
C HIS B 133 -2.42 16.37 19.44
N ILE B 134 -1.26 15.72 19.30
CA ILE B 134 -0.45 15.94 18.08
C ILE B 134 -1.06 15.22 16.88
N GLN B 135 -0.68 15.68 15.71
CA GLN B 135 -1.11 15.06 14.47
C GLN B 135 0.13 14.54 13.74
N ILE B 136 -0.04 13.47 12.99
CA ILE B 136 1.00 12.89 12.16
C ILE B 136 0.51 12.81 10.69
N SER B 137 1.37 13.15 9.73
CA SER B 137 1.16 12.77 8.33
C SER B 137 2.42 12.25 7.67
N THR B 138 2.23 11.29 6.77
CA THR B 138 3.33 10.58 6.15
C THR B 138 3.34 10.89 4.68
N LEU B 139 4.43 10.50 4.04
CA LEU B 139 4.55 10.61 2.59
C LEU B 139 5.63 9.68 2.12
N ARG B 140 5.57 9.27 0.86
CA ARG B 140 6.58 8.41 0.30
C ARG B 140 7.83 9.26 -0.06
N PRO B 141 9.02 8.75 0.17
CA PRO B 141 10.23 9.45 -0.26
C PRO B 141 10.27 9.62 -1.80
N GLY B 142 9.75 8.60 -2.49
CA GLY B 142 9.62 8.57 -3.95
C GLY B 142 8.78 9.64 -4.63
N ALA B 143 8.21 10.60 -3.88
CA ALA B 143 7.68 11.86 -4.44
C ALA B 143 8.84 12.84 -4.86
N GLY B 144 8.86 14.08 -4.35
CA GLY B 144 9.73 15.11 -4.91
C GLY B 144 10.58 15.91 -3.92
N ASN B 145 11.90 15.77 -4.04
CA ASN B 145 12.86 16.59 -3.31
C ASN B 145 12.69 16.46 -1.80
N LEU B 146 12.87 15.24 -1.29
CA LEU B 146 12.88 14.99 0.14
C LEU B 146 13.95 15.81 0.86
N LYS B 147 15.17 15.83 0.29
CA LYS B 147 16.30 16.63 0.81
C LYS B 147 15.88 18.07 1.04
N GLU B 148 15.40 18.72 -0.01
CA GLU B 148 15.00 20.12 0.04
C GLU B 148 13.96 20.33 1.16
N ASP B 149 12.92 19.49 1.17
CA ASP B 149 11.82 19.57 2.15
C ASP B 149 12.27 19.29 3.60
N MET B 150 13.30 18.47 3.76
CA MET B 150 13.86 18.24 5.09
C MET B 150 14.65 19.47 5.61
N GLU B 151 15.32 20.20 4.71
CA GLU B 151 16.09 21.40 5.08
C GLU B 151 15.17 22.53 5.58
N SER B 152 14.05 22.76 4.88
CA SER B 152 13.09 23.81 5.25
C SER B 152 12.26 23.52 6.50
N GLY B 153 12.23 22.27 6.95
CA GLY B 153 11.37 21.89 8.08
C GLY B 153 9.99 21.35 7.67
N ALA B 154 9.72 21.28 6.37
CA ALA B 154 8.46 20.72 5.85
C ALA B 154 8.30 19.23 6.15
N VAL B 155 9.41 18.50 6.17
CA VAL B 155 9.43 17.11 6.60
C VAL B 155 10.40 16.98 7.78
N ASP B 156 9.92 16.40 8.87
CA ASP B 156 10.64 16.32 10.14
C ASP B 156 11.59 15.13 10.28
N LEU B 157 11.19 13.97 9.76
CA LEU B 157 11.95 12.73 9.90
C LEU B 157 11.71 11.84 8.70
N ALA B 158 12.69 10.99 8.39
CA ALA B 158 12.58 10.04 7.29
C ALA B 158 13.11 8.67 7.73
N LEU B 159 12.45 7.61 7.28
CA LEU B 159 12.82 6.26 7.64
C LEU B 159 13.04 5.40 6.42
N GLY B 160 14.04 4.54 6.53
CA GLY B 160 14.41 3.62 5.48
C GLY B 160 15.90 3.66 5.18
N LEU B 161 16.19 3.33 3.95
CA LEU B 161 17.50 3.36 3.36
C LEU B 161 17.52 4.50 2.37
N LEU B 162 18.17 5.60 2.69
CA LEU B 162 17.97 6.75 1.84
C LEU B 162 19.38 7.31 1.54
N PRO B 163 20.08 6.63 0.63
CA PRO B 163 21.49 6.93 0.35
C PRO B 163 21.78 8.42 0.01
N GLU B 164 20.84 9.11 -0.62
CA GLU B 164 21.07 10.48 -1.06
C GLU B 164 21.16 11.49 0.12
N LEU B 165 20.66 11.09 1.29
CA LEU B 165 20.72 11.92 2.49
C LEU B 165 22.05 11.71 3.20
N GLN B 166 22.99 12.60 2.94
CA GLN B 166 24.31 12.47 3.55
C GLN B 166 24.77 13.77 4.22
N THR B 167 24.99 14.82 3.45
CA THR B 167 25.62 16.03 3.99
C THR B 167 24.60 17.02 4.56
N GLY B 168 24.70 17.27 5.85
CA GLY B 168 23.72 18.05 6.59
C GLY B 168 22.65 17.19 7.27
N PHE B 169 22.84 15.86 7.28
CA PHE B 169 21.90 14.90 7.86
C PHE B 169 22.56 14.01 8.90
N PHE B 170 21.92 13.88 10.05
CA PHE B 170 22.28 12.83 10.99
C PHE B 170 21.50 11.57 10.65
N GLN B 171 22.02 10.46 11.10
CA GLN B 171 21.35 9.22 10.88
C GLN B 171 21.66 8.24 12.00
N ARG B 172 20.75 7.31 12.17
CA ARG B 172 20.81 6.36 13.24
C ARG B 172 20.11 5.09 12.76
N ARG B 173 20.79 3.97 12.90
CA ARG B 173 20.28 2.72 12.42
C ARG B 173 19.36 2.10 13.46
N LEU B 174 18.17 1.71 13.01
CA LEU B 174 17.14 1.15 13.87
C LEU B 174 17.23 -0.36 13.89
N PHE B 175 17.23 -0.97 12.70
CA PHE B 175 17.31 -2.44 12.56
C PHE B 175 17.63 -2.88 11.12
N ARG B 176 17.74 -4.18 10.93
CA ARG B 176 17.97 -4.81 9.62
C ARG B 176 16.79 -5.66 9.22
N HIS B 177 16.31 -5.44 8.02
CA HIS B 177 15.35 -6.35 7.38
C HIS B 177 15.98 -7.62 6.86
N ARG B 178 15.49 -8.76 7.32
CA ARG B 178 15.91 -10.09 6.87
C ARG B 178 14.83 -10.66 5.92
N TYR B 179 15.20 -11.10 4.71
CA TYR B 179 14.21 -11.60 3.76
C TYR B 179 13.84 -13.02 3.99
N VAL B 180 12.61 -13.31 3.61
CA VAL B 180 11.91 -14.53 4.00
C VAL B 180 10.96 -14.95 2.84
N CYS B 181 10.64 -16.24 2.79
CA CYS B 181 9.66 -16.75 1.82
C CYS B 181 8.30 -16.96 2.49
N MET B 182 7.21 -16.54 1.85
CA MET B 182 5.87 -16.60 2.47
C MET B 182 4.85 -17.26 1.52
N PHE B 183 3.90 -17.99 2.10
CA PHE B 183 2.84 -18.69 1.36
C PHE B 183 1.71 -19.13 2.29
N ARG B 184 0.59 -19.59 1.74
CA ARG B 184 -0.58 -19.91 2.58
C ARG B 184 -0.36 -21.18 3.43
N LYS B 185 -0.94 -21.18 4.64
CA LYS B 185 -0.76 -22.27 5.61
C LYS B 185 -0.89 -23.65 4.99
N ASP B 186 -1.91 -23.86 4.16
CA ASP B 186 -2.20 -25.19 3.63
C ASP B 186 -1.81 -25.31 2.16
N HIS B 187 -0.68 -24.70 1.81
CA HIS B 187 -0.16 -24.83 0.45
C HIS B 187 0.07 -26.34 0.20
N PRO B 188 -0.38 -26.86 -0.94
CA PRO B 188 -0.29 -28.31 -1.18
C PRO B 188 1.14 -28.92 -1.25
N SER B 189 2.19 -28.14 -1.57
CA SER B 189 3.56 -28.69 -1.67
C SER B 189 4.69 -27.93 -0.95
N ALA B 190 4.42 -26.70 -0.51
CA ALA B 190 5.47 -25.83 0.01
C ALA B 190 5.88 -26.25 1.41
N LYS B 191 7.17 -26.27 1.67
CA LYS B 191 7.70 -26.73 2.95
C LYS B 191 8.57 -25.65 3.61
N SER B 192 8.66 -25.71 4.93
CA SER B 192 9.57 -24.85 5.70
C SER B 192 10.43 -25.74 6.58
N PRO B 193 11.76 -25.72 6.41
CA PRO B 193 12.47 -24.83 5.48
C PRO B 193 12.41 -25.30 4.03
N MET B 194 12.44 -24.34 3.10
CA MET B 194 12.28 -24.60 1.68
C MET B 194 13.64 -24.65 1.02
N SER B 195 13.85 -25.69 0.21
CA SER B 195 15.08 -25.89 -0.52
C SER B 195 15.13 -24.93 -1.69
N LEU B 196 16.32 -24.61 -2.18
CA LEU B 196 16.45 -23.72 -3.33
C LEU B 196 15.78 -24.33 -4.56
N LYS B 197 15.68 -25.66 -4.59
CA LYS B 197 15.15 -26.37 -5.75
C LYS B 197 13.66 -26.13 -5.90
N GLN B 198 12.94 -26.38 -4.80
CA GLN B 198 11.50 -26.14 -4.72
C GLN B 198 11.12 -24.67 -4.93
N PHE B 199 11.94 -23.75 -4.43
CA PHE B 199 11.75 -22.31 -4.69
C PHE B 199 11.73 -22.06 -6.19
N SER B 200 12.59 -22.75 -6.92
CA SER B 200 12.64 -22.60 -8.37
C SER B 200 11.58 -23.40 -9.16
N GLU B 201 11.01 -24.43 -8.55
CA GLU B 201 9.90 -25.19 -9.16
C GLU B 201 8.53 -24.43 -9.04
N LEU B 202 8.29 -23.79 -7.89
CA LEU B 202 7.02 -23.16 -7.60
C LEU B 202 6.81 -21.86 -8.40
N GLU B 203 5.59 -21.35 -8.41
CA GLU B 203 5.22 -20.09 -9.10
C GLU B 203 5.19 -18.93 -8.11
N HIS B 204 5.54 -17.73 -8.57
CA HIS B 204 5.81 -16.63 -7.65
C HIS B 204 4.99 -15.40 -8.00
N VAL B 205 4.73 -14.58 -6.98
CA VAL B 205 4.37 -13.18 -7.18
C VAL B 205 5.57 -12.37 -6.83
N GLY B 206 5.84 -11.34 -7.61
CA GLY B 206 6.92 -10.46 -7.33
C GLY B 206 6.50 -9.03 -7.12
N VAL B 207 7.26 -8.29 -6.30
CA VAL B 207 6.98 -6.86 -6.17
C VAL B 207 8.19 -5.98 -6.59
N VAL B 208 7.91 -5.06 -7.48
CA VAL B 208 8.95 -4.29 -8.12
C VAL B 208 9.61 -3.38 -7.08
N ALA B 209 8.80 -2.61 -6.34
CA ALA B 209 9.27 -1.68 -5.28
C ALA B 209 10.38 -0.71 -5.78
N LEU B 210 10.12 -0.10 -6.90
CA LEU B 210 11.00 0.85 -7.52
C LEU B 210 11.70 1.80 -6.56
N ASN B 211 13.02 1.88 -6.69
CA ASN B 211 13.84 2.83 -5.97
C ASN B 211 13.79 2.63 -4.44
N THR B 212 13.71 1.37 -4.02
CA THR B 212 13.84 1.04 -2.64
C THR B 212 14.83 -0.08 -2.56
N GLY B 213 15.27 -0.38 -1.36
CA GLY B 213 16.09 -1.55 -1.15
C GLY B 213 15.47 -2.82 -1.68
N HIS B 214 14.15 -2.92 -1.59
CA HIS B 214 13.51 -4.17 -1.91
C HIS B 214 13.41 -4.30 -3.40
N GLY B 215 13.50 -3.18 -4.09
CA GLY B 215 13.61 -3.17 -5.53
C GLY B 215 14.81 -3.93 -6.09
N GLU B 216 15.78 -4.26 -5.25
CA GLU B 216 17.00 -4.92 -5.69
C GLU B 216 16.82 -6.44 -5.68
N VAL B 217 15.77 -6.96 -5.04
CA VAL B 217 15.64 -8.41 -4.89
C VAL B 217 15.57 -9.14 -6.25
N ASP B 218 14.88 -8.56 -7.22
CA ASP B 218 14.76 -9.16 -8.55
C ASP B 218 16.12 -9.40 -9.24
N GLY B 219 16.93 -8.34 -9.37
CA GLY B 219 18.29 -8.40 -9.89
C GLY B 219 19.17 -9.36 -9.10
N LEU B 220 19.05 -9.38 -7.79
CA LEU B 220 19.84 -10.30 -7.00
C LEU B 220 19.65 -11.76 -7.36
N LEU B 221 18.41 -12.16 -7.55
CA LEU B 221 18.09 -13.55 -7.81
C LEU B 221 18.48 -13.91 -9.28
N GLU B 222 18.17 -13.03 -10.22
CA GLU B 222 18.55 -13.16 -11.62
C GLU B 222 20.07 -13.36 -11.81
N ARG B 223 20.85 -12.49 -11.17
CA ARG B 223 22.29 -12.53 -11.25
C ARG B 223 22.87 -13.75 -10.58
N ALA B 224 22.19 -14.31 -9.61
CA ALA B 224 22.61 -15.58 -9.03
C ALA B 224 22.20 -16.81 -9.89
N GLY B 225 21.59 -16.54 -11.04
CA GLY B 225 21.04 -17.58 -11.89
C GLY B 225 19.91 -18.42 -11.27
N ILE B 226 19.17 -17.84 -10.33
CA ILE B 226 18.05 -18.54 -9.68
C ILE B 226 16.82 -18.26 -10.53
N LYS B 227 16.30 -19.30 -11.18
CA LYS B 227 15.15 -19.17 -12.08
C LYS B 227 13.85 -19.01 -11.30
N ARG B 228 13.02 -18.08 -11.76
CA ARG B 228 11.67 -17.91 -11.17
C ARG B 228 10.62 -17.76 -12.24
N ARG B 229 9.61 -18.61 -12.15
CA ARG B 229 8.41 -18.44 -12.98
C ARG B 229 7.57 -17.28 -12.39
N MET B 230 7.63 -16.12 -12.99
CA MET B 230 6.92 -14.96 -12.45
C MET B 230 5.48 -14.89 -12.97
N ARG B 231 4.60 -15.63 -12.30
CA ARG B 231 3.19 -15.65 -12.68
C ARG B 231 2.50 -14.28 -12.57
N LEU B 232 2.82 -13.54 -11.51
CA LEU B 232 2.32 -12.16 -11.35
C LEU B 232 3.41 -11.20 -10.86
N VAL B 233 3.40 -9.98 -11.38
CA VAL B 233 4.25 -8.94 -10.87
C VAL B 233 3.39 -7.73 -10.53
N VAL B 234 3.57 -7.19 -9.32
CA VAL B 234 2.85 -5.97 -8.88
C VAL B 234 3.86 -4.93 -8.43
N PRO B 235 3.51 -3.64 -8.47
CA PRO B 235 4.47 -2.58 -8.11
C PRO B 235 4.70 -2.36 -6.60
N HIS B 236 3.79 -2.79 -5.73
CA HIS B 236 3.85 -2.43 -4.31
C HIS B 236 3.29 -3.59 -3.49
N PHE B 237 3.36 -3.49 -2.17
CA PHE B 237 3.05 -4.64 -1.31
C PHE B 237 1.58 -4.85 -0.90
N ILE B 238 0.69 -3.89 -1.13
CA ILE B 238 -0.69 -3.95 -0.58
C ILE B 238 -1.47 -5.26 -0.76
N ALA B 239 -1.56 -5.78 -1.99
CA ALA B 239 -2.33 -7.00 -2.28
C ALA B 239 -1.67 -8.33 -1.93
N ILE B 240 -0.43 -8.33 -1.45
CA ILE B 240 0.30 -9.61 -1.28
C ILE B 240 -0.36 -10.60 -0.32
N GLY B 241 -0.73 -10.17 0.87
CA GLY B 241 -1.45 -11.05 1.80
C GLY B 241 -2.66 -11.76 1.20
N PRO B 242 -3.64 -11.00 0.72
CA PRO B 242 -4.81 -11.58 0.03
C PRO B 242 -4.49 -12.45 -1.20
N ILE B 243 -3.45 -12.13 -1.96
CA ILE B 243 -3.08 -12.96 -3.13
C ILE B 243 -2.55 -14.31 -2.69
N LEU B 244 -1.62 -14.29 -1.75
CA LEU B 244 -1.11 -15.56 -1.23
C LEU B 244 -2.23 -16.38 -0.56
N HIS B 245 -3.21 -15.68 0.04
CA HIS B 245 -4.26 -16.38 0.78
C HIS B 245 -5.04 -17.24 -0.19
N SER B 246 -5.28 -16.74 -1.39
CA SER B 246 -6.23 -17.39 -2.25
C SER B 246 -5.61 -17.97 -3.55
N THR B 247 -4.30 -18.23 -3.50
CA THR B 247 -3.59 -18.91 -4.59
C THR B 247 -2.51 -19.81 -4.02
N ASP B 248 -1.79 -20.45 -4.93
CA ASP B 248 -0.64 -21.28 -4.56
C ASP B 248 0.72 -20.60 -4.83
N LEU B 249 0.67 -19.30 -5.08
CA LEU B 249 1.85 -18.50 -5.33
C LEU B 249 2.69 -18.36 -4.07
N ILE B 250 3.99 -18.08 -4.28
CA ILE B 250 4.88 -17.79 -3.18
C ILE B 250 5.53 -16.44 -3.36
N ALA B 251 5.95 -15.84 -2.26
CA ALA B 251 6.53 -14.51 -2.32
C ALA B 251 7.83 -14.40 -1.50
N THR B 252 8.67 -13.47 -1.94
CA THR B 252 9.89 -13.12 -1.23
C THR B 252 9.69 -11.75 -0.63
N VAL B 253 9.85 -11.68 0.68
CA VAL B 253 9.26 -10.60 1.45
C VAL B 253 10.11 -10.26 2.70
N PRO B 254 10.24 -9.00 3.06
CA PRO B 254 10.84 -8.67 4.37
C PRO B 254 10.06 -9.32 5.51
N GLN B 255 10.79 -9.84 6.48
CA GLN B 255 10.20 -10.54 7.61
C GLN B 255 9.28 -9.66 8.47
N ARG B 256 9.48 -8.35 8.49
CA ARG B 256 8.56 -7.48 9.22
C ARG B 256 7.25 -7.27 8.47
N PHE B 257 7.27 -7.48 7.16
CA PHE B 257 6.02 -7.51 6.43
C PHE B 257 5.24 -8.77 6.77
N ALA B 258 5.98 -9.86 6.83
CA ALA B 258 5.39 -11.16 7.14
C ALA B 258 4.65 -11.16 8.45
N VAL B 259 5.13 -10.40 9.44
CA VAL B 259 4.55 -10.42 10.77
C VAL B 259 3.22 -9.65 10.83
N ARG B 260 3.08 -8.60 10.03
CA ARG B 260 1.78 -7.98 9.87
C ARG B 260 0.80 -8.81 9.00
N CYS B 261 1.24 -9.92 8.40
CA CYS B 261 0.39 -10.73 7.51
C CYS B 261 0.10 -12.15 7.94
N GLU B 262 0.99 -12.77 8.72
CA GLU B 262 0.87 -14.21 8.97
C GLU B 262 -0.52 -14.56 9.49
N VAL B 263 -0.94 -13.89 10.55
CA VAL B 263 -2.20 -14.25 11.21
C VAL B 263 -3.43 -13.75 10.45
N PRO B 264 -3.49 -12.46 10.09
CA PRO B 264 -4.62 -11.96 9.33
C PRO B 264 -4.96 -12.77 8.10
N PHE B 265 -3.97 -13.31 7.40
CA PHE B 265 -4.20 -13.91 6.11
C PHE B 265 -3.96 -15.41 6.06
N GLY B 266 -3.73 -16.01 7.23
CA GLY B 266 -3.48 -17.45 7.32
C GLY B 266 -2.32 -17.91 6.45
N LEU B 267 -1.14 -17.37 6.73
CA LEU B 267 0.08 -17.52 5.93
C LEU B 267 1.17 -18.10 6.81
N THR B 268 2.15 -18.82 6.24
CA THR B 268 3.39 -19.17 6.96
C THR B 268 4.61 -18.65 6.24
N THR B 269 5.73 -18.67 6.94
CA THR B 269 7.02 -18.28 6.38
C THR B 269 8.03 -19.42 6.44
N SER B 270 9.02 -19.34 5.57
CA SER B 270 10.17 -20.20 5.63
C SER B 270 11.40 -19.32 5.57
N PRO B 271 12.51 -19.74 6.18
CA PRO B 271 13.80 -19.10 5.92
C PRO B 271 14.07 -19.08 4.44
N HIS B 272 14.58 -17.98 3.92
CA HIS B 272 14.79 -17.90 2.47
C HIS B 272 15.96 -18.78 1.98
N PRO B 273 15.72 -19.66 1.02
CA PRO B 273 16.79 -20.51 0.48
C PRO B 273 17.92 -19.81 -0.28
N ALA B 274 17.70 -18.64 -0.87
CA ALA B 274 18.76 -17.91 -1.56
C ALA B 274 19.67 -17.14 -0.60
N LYS B 275 20.71 -16.50 -1.13
CA LYS B 275 21.64 -15.73 -0.31
C LYS B 275 21.27 -14.25 -0.39
N LEU B 276 20.14 -13.86 0.18
CA LEU B 276 19.75 -12.48 0.06
C LEU B 276 20.31 -11.70 1.25
N PRO B 277 20.88 -10.56 0.95
CA PRO B 277 21.48 -9.71 1.98
C PRO B 277 20.40 -8.90 2.73
N ASP B 278 20.70 -8.54 3.99
CA ASP B 278 19.79 -7.71 4.78
C ASP B 278 19.76 -6.27 4.29
N ILE B 279 18.72 -5.53 4.70
CA ILE B 279 18.62 -4.10 4.38
C ILE B 279 18.50 -3.34 5.70
N ALA B 280 19.40 -2.42 5.92
CA ALA B 280 19.43 -1.58 7.12
C ALA B 280 18.37 -0.50 7.00
N ILE B 281 17.58 -0.35 8.05
CA ILE B 281 16.58 0.71 8.09
C ILE B 281 17.06 1.72 9.08
N ASN B 282 17.22 2.95 8.59
CA ASN B 282 17.73 4.06 9.40
C ASN B 282 16.66 5.14 9.69
N LEU B 283 16.84 5.90 10.78
CA LEU B 283 16.13 7.12 11.08
C LEU B 283 17.03 8.29 10.77
N PHE B 284 16.53 9.25 9.98
CA PHE B 284 17.25 10.42 9.53
C PHE B 284 16.59 11.73 9.98
N TRP B 285 17.41 12.74 10.25
CA TRP B 285 16.94 14.10 10.49
C TRP B 285 17.96 15.12 10.09
N HIS B 286 17.50 16.31 9.71
CA HIS B 286 18.41 17.39 9.36
C HIS B 286 19.12 17.96 10.60
N ALA B 287 20.26 18.59 10.36
CA ALA B 287 21.09 19.12 11.46
C ALA B 287 20.43 20.33 12.15
N LYS B 288 19.71 21.11 11.35
CA LYS B 288 18.92 22.25 11.82
C LYS B 288 17.88 21.91 12.91
N TYR B 289 17.54 20.63 13.05
CA TYR B 289 16.55 20.19 14.04
C TYR B 289 17.14 19.18 15.01
N ASN B 290 18.47 19.08 14.99
CA ASN B 290 19.15 18.21 15.92
C ASN B 290 18.81 18.58 17.37
N ARG B 291 18.59 19.86 17.65
CA ARG B 291 18.28 20.28 19.04
C ARG B 291 16.86 20.83 19.26
N ASP B 292 15.98 20.72 18.27
CA ASP B 292 14.56 21.06 18.42
C ASP B 292 13.92 20.01 19.35
N PRO B 293 13.40 20.41 20.52
CA PRO B 293 12.89 19.45 21.49
C PRO B 293 11.74 18.55 21.02
N GLY B 294 10.93 19.00 20.09
CA GLY B 294 9.82 18.18 19.61
C GLY B 294 10.41 17.06 18.76
N ASN B 295 11.30 17.46 17.86
CA ASN B 295 11.94 16.51 16.99
C ASN B 295 12.67 15.48 17.82
N MET B 296 13.37 15.92 18.86
CA MET B 296 14.14 15.00 19.71
C MET B 296 13.21 14.06 20.40
N TRP B 297 12.06 14.58 20.85
CA TRP B 297 11.10 13.75 21.58
C TRP B 297 10.58 12.62 20.67
N LEU B 298 10.29 12.94 19.40
CA LEU B 298 9.72 11.93 18.48
C LEU B 298 10.75 10.86 18.07
N ARG B 299 11.98 11.30 17.78
CA ARG B 299 13.10 10.41 17.48
C ARG B 299 13.30 9.42 18.60
N GLN B 300 13.30 9.89 19.84
CA GLN B 300 13.56 9.00 20.95
C GLN B 300 12.48 7.96 21.03
N LEU B 301 11.24 8.33 20.71
CA LEU B 301 10.14 7.35 20.73
C LEU B 301 10.31 6.28 19.62
N PHE B 302 10.70 6.70 18.42
CA PHE B 302 11.05 5.71 17.36
C PHE B 302 12.14 4.75 17.90
N VAL B 303 13.19 5.29 18.52
CA VAL B 303 14.30 4.44 18.98
C VAL B 303 13.78 3.51 20.07
N GLU B 304 13.06 4.06 21.03
CA GLU B 304 12.45 3.25 22.07
C GLU B 304 11.60 2.10 21.53
N LEU B 305 10.74 2.37 20.56
CA LEU B 305 9.80 1.35 20.09
C LEU B 305 10.42 0.41 19.06
N PHE B 306 11.34 0.87 18.25
CA PHE B 306 11.76 0.07 17.08
C PHE B 306 13.23 -0.38 17.03
N SER B 307 14.12 0.26 17.78
CA SER B 307 15.53 -0.05 17.72
C SER B 307 15.84 -1.47 18.21
N GLU B 308 16.53 -2.25 17.37
CA GLU B 308 17.06 -3.54 17.78
C GLU B 308 18.51 -3.37 18.29
N ALA B 309 19.17 -2.33 17.79
CA ALA B 309 20.60 -2.05 18.02
C ALA B 309 20.99 -1.75 19.48
S SCN C . -11.96 -1.55 -6.89
C SCN C . -11.23 -0.28 -7.82
N SCN C . -10.71 0.57 -8.42
S SCN D . -6.82 13.07 4.10
C SCN D . -8.56 12.72 3.97
N SCN D . -9.70 12.36 3.98
S SCN E . -4.86 -2.70 4.93
C SCN E . -3.73 -3.92 4.17
N SCN E . -2.95 -4.60 3.55
S SCN F . -3.38 4.51 -6.13
C SCN F . -2.95 5.46 -7.61
N SCN F . -2.85 5.89 -8.72
S SCN G . -20.29 14.63 1.93
C SCN G . -21.78 15.49 2.42
N SCN G . -22.81 15.85 2.91
S SCN H . -10.58 6.10 -9.15
C SCN H . -10.15 4.43 -8.79
N SCN H . -9.87 3.30 -8.59
S SCN I . -21.54 -0.24 -19.66
C SCN I . -22.32 -1.59 -18.86
N SCN I . -22.85 -2.50 -18.34
S SCN J . -16.04 -6.05 -23.05
C SCN J . -16.19 -7.82 -23.01
N SCN J . -16.35 -8.96 -22.75
S SCN K . -20.39 3.70 -18.55
C SCN K . -21.29 5.28 -18.48
N SCN K . -21.89 6.29 -18.18
S SCN L . -23.46 -1.73 -8.84
C SCN L . -23.31 -3.02 -7.61
N SCN L . -22.87 -3.87 -6.86
S SCN M . -13.86 5.84 -29.25
C SCN M . -15.57 5.67 -28.80
N SCN M . -16.67 5.56 -28.35
S SCN N . 10.24 -1.25 7.96
C SCN N . 10.78 -0.07 6.78
N SCN N . 11.07 0.80 6.04
S SCN O . 9.48 -8.21 -9.56
C SCN O . 10.39 -9.13 -8.35
N SCN O . 10.91 -9.78 -7.50
S SCN P . 7.38 3.02 -1.69
C SCN P . 8.50 4.37 -2.09
N SCN P . 9.32 5.23 -2.09
S SCN Q . 13.95 1.76 1.63
C SCN Q . 13.93 3.43 0.88
N SCN Q . 14.15 4.50 0.36
S SCN R . 18.28 9.88 17.76
C SCN R . 17.76 9.85 19.48
N SCN R . 17.19 9.53 20.49
S SCN S . -1.91 11.87 19.01
C SCN S . -2.92 10.39 19.09
N SCN S . -3.56 9.42 18.94
#